data_7O6S
#
_entry.id   7O6S
#
_cell.length_a   57.630
_cell.length_b   57.630
_cell.length_c   159.184
_cell.angle_alpha   90.000
_cell.angle_beta   90.000
_cell.angle_gamma   120.000
#
_symmetry.space_group_name_H-M   'P 32 2 1'
#
loop_
_entity.id
_entity.type
_entity.pdbx_description
1 polymer 'Chaperone protein IpgC'
2 non-polymer 'CHLORIDE ION'
3 non-polymer 'DIMETHYL SULFOXIDE'
4 non-polymer DI(HYDROXYETHYL)ETHER
5 non-polymer 'MAGNESIUM ION'
6 non-polymer N-(1,3-benzodioxol-5-ylmethyl)cyclopentanamine
7 water water
#
_entity_poly.entity_id   1
_entity_poly.type   'polypeptide(L)'
_entity_poly.pdbx_seq_one_letter_code
;GSISTAVIDAINSGATLKDINAIPDDMMDDIYSYAYDFYNKGRIEEAEVFFRFLCIYDFYNVDYIMGLAAIYQIKEQFQQ
AADLYAVAFALGKNDYTPVFHTGQCQLRLKAPLKAKECFELVIQHSNDEKLKIKAQSYLDAIQ
;
_entity_poly.pdbx_strand_id   A,B
#
# COMPACT_ATOMS: atom_id res chain seq x y z
N VAL A 7 -12.36 -21.06 -10.27
CA VAL A 7 -11.06 -20.88 -9.63
C VAL A 7 -9.99 -20.71 -10.68
N ILE A 8 -9.98 -21.63 -11.64
CA ILE A 8 -9.07 -21.49 -12.78
C ILE A 8 -9.38 -20.19 -13.51
N ASP A 9 -10.67 -19.87 -13.66
CA ASP A 9 -11.06 -18.61 -14.27
C ASP A 9 -10.52 -17.42 -13.48
N ALA A 10 -10.57 -17.50 -12.14
CA ALA A 10 -10.02 -16.41 -11.33
C ALA A 10 -8.50 -16.37 -11.46
N ILE A 11 -7.86 -17.54 -11.55
CA ILE A 11 -6.43 -17.56 -11.81
C ILE A 11 -6.14 -16.94 -13.18
N ASN A 12 -6.86 -17.38 -14.21
CA ASN A 12 -6.61 -16.87 -15.55
C ASN A 12 -7.07 -15.43 -15.72
N SER A 13 -8.05 -14.98 -14.93
CA SER A 13 -8.55 -13.61 -15.01
C SER A 13 -8.13 -12.72 -13.85
N GLY A 14 -7.18 -13.16 -13.02
CA GLY A 14 -6.60 -12.32 -11.98
C GLY A 14 -7.44 -12.09 -10.72
N ALA A 15 -8.68 -12.58 -10.66
CA ALA A 15 -9.56 -12.33 -9.52
C ALA A 15 -9.13 -13.11 -8.28
N THR A 16 -9.75 -12.79 -7.16
CA THR A 16 -9.48 -13.53 -5.93
C THR A 16 -10.45 -14.69 -5.77
N LEU A 17 -10.07 -15.64 -4.90
CA LEU A 17 -10.99 -16.71 -4.55
C LEU A 17 -12.16 -16.15 -3.75
N LYS A 18 -11.91 -15.07 -3.02
CA LYS A 18 -12.97 -14.38 -2.30
C LYS A 18 -14.03 -13.86 -3.26
N ASP A 19 -13.59 -13.31 -4.39
CA ASP A 19 -14.52 -12.74 -5.36
C ASP A 19 -15.54 -13.76 -5.85
N ILE A 20 -15.21 -15.05 -5.81
CA ILE A 20 -16.11 -16.11 -6.27
C ILE A 20 -16.68 -16.94 -5.11
N ASN A 21 -16.58 -16.44 -3.88
CA ASN A 21 -17.13 -17.12 -2.71
C ASN A 21 -16.73 -18.59 -2.70
N ALA A 22 -15.42 -18.84 -2.83
CA ALA A 22 -14.95 -20.22 -2.96
C ALA A 22 -15.00 -20.97 -1.64
N ILE A 23 -14.98 -20.25 -0.52
CA ILE A 23 -15.08 -20.79 0.85
C ILE A 23 -16.10 -19.94 1.60
N PRO A 24 -17.00 -20.50 2.41
CA PRO A 24 -17.99 -19.66 3.09
C PRO A 24 -17.35 -18.67 4.06
N ASP A 25 -18.04 -17.55 4.27
CA ASP A 25 -17.52 -16.46 5.10
C ASP A 25 -17.17 -16.91 6.50
N ASP A 26 -18.07 -17.63 7.16
CA ASP A 26 -17.81 -17.99 8.56
C ASP A 26 -16.66 -18.98 8.66
N MET A 27 -16.46 -19.81 7.63
CA MET A 27 -15.31 -20.69 7.63
C MET A 27 -14.01 -19.89 7.51
N MET A 28 -14.01 -18.87 6.65
CA MET A 28 -12.83 -18.02 6.56
C MET A 28 -12.54 -17.34 7.90
N ASP A 29 -13.59 -16.84 8.57
CA ASP A 29 -13.41 -16.29 9.92
C ASP A 29 -12.71 -17.30 10.82
N ASP A 30 -13.15 -18.56 10.76
CA ASP A 30 -12.56 -19.56 11.62
C ASP A 30 -11.10 -19.74 11.29
N ILE A 31 -10.77 -19.77 9.99
CA ILE A 31 -9.38 -19.96 9.59
C ILE A 31 -8.52 -18.80 10.06
N TYR A 32 -9.04 -17.57 9.95
CA TYR A 32 -8.30 -16.42 10.48
C TYR A 32 -8.07 -16.56 11.98
N SER A 33 -9.10 -17.00 12.72
N SER A 33 -9.08 -17.02 12.71
CA SER A 33 -8.96 -17.17 14.16
CA SER A 33 -8.94 -17.16 14.16
C SER A 33 -7.90 -18.23 14.46
C SER A 33 -7.96 -18.26 14.51
N TYR A 34 -7.92 -19.33 13.71
CA TYR A 34 -6.94 -20.39 13.92
C TYR A 34 -5.53 -19.90 13.59
N ALA A 35 -5.40 -19.10 12.52
CA ALA A 35 -4.10 -18.49 12.22
C ALA A 35 -3.61 -17.65 13.40
N TYR A 36 -4.52 -16.88 13.99
CA TYR A 36 -4.13 -16.06 15.11
C TYR A 36 -3.83 -16.91 16.34
N ASP A 37 -4.56 -18.01 16.53
CA ASP A 37 -4.24 -18.93 17.62
C ASP A 37 -2.82 -19.47 17.46
N PHE A 38 -2.46 -19.92 16.26
CA PHE A 38 -1.11 -20.42 16.06
C PHE A 38 -0.09 -19.34 16.39
N TYR A 39 -0.35 -18.09 15.95
CA TYR A 39 0.56 -16.99 16.18
C TYR A 39 0.74 -16.76 17.67
N ASN A 40 -0.35 -16.72 18.40
CA ASN A 40 -0.28 -16.40 19.83
C ASN A 40 0.41 -17.49 20.63
N LYS A 41 0.38 -18.75 20.16
N LYS A 41 0.38 -18.74 20.13
CA LYS A 41 1.06 -19.82 20.87
CA LYS A 41 1.02 -19.87 20.78
C LYS A 41 2.40 -20.17 20.21
C LYS A 41 2.46 -20.08 20.34
N GLY A 42 2.99 -19.21 19.49
CA GLY A 42 4.35 -19.34 19.03
C GLY A 42 4.57 -20.39 17.97
N ARG A 43 3.49 -20.91 17.39
CA ARG A 43 3.51 -21.89 16.30
C ARG A 43 3.64 -21.13 14.99
N ILE A 44 4.84 -20.59 14.78
CA ILE A 44 5.05 -19.60 13.73
C ILE A 44 5.02 -20.25 12.37
N GLU A 45 5.57 -21.47 12.25
CA GLU A 45 5.55 -22.13 10.95
C GLU A 45 4.12 -22.36 10.47
N GLU A 46 3.26 -22.80 11.39
CA GLU A 46 1.86 -23.05 11.07
C GLU A 46 1.07 -21.76 10.85
N ALA A 47 1.32 -20.75 11.69
CA ALA A 47 0.73 -19.44 11.41
C ALA A 47 1.13 -18.93 10.03
N GLU A 48 2.39 -19.13 9.63
CA GLU A 48 2.81 -18.69 8.30
C GLU A 48 2.03 -19.39 7.19
N VAL A 49 1.86 -20.71 7.29
CA VAL A 49 1.06 -21.41 6.29
C VAL A 49 -0.34 -20.83 6.23
N PHE A 50 -0.95 -20.61 7.41
CA PHE A 50 -2.34 -20.16 7.46
C PHE A 50 -2.50 -18.75 6.95
N PHE A 51 -1.60 -17.84 7.33
CA PHE A 51 -1.70 -16.48 6.81
C PHE A 51 -1.36 -16.44 5.32
N ARG A 52 -0.42 -17.27 4.83
CA ARG A 52 -0.24 -17.34 3.39
C ARG A 52 -1.51 -17.82 2.70
N PHE A 53 -2.15 -18.87 3.26
CA PHE A 53 -3.40 -19.36 2.71
C PHE A 53 -4.43 -18.24 2.63
N LEU A 54 -4.58 -17.47 3.71
CA LEU A 54 -5.56 -16.39 3.76
C LEU A 54 -5.25 -15.34 2.70
N CYS A 55 -3.98 -14.99 2.53
CA CYS A 55 -3.62 -13.97 1.55
C CYS A 55 -3.75 -14.44 0.10
N ILE A 56 -3.63 -15.75 -0.14
CA ILE A 56 -3.96 -16.31 -1.44
C ILE A 56 -5.45 -16.19 -1.67
N TYR A 57 -6.24 -16.46 -0.63
CA TYR A 57 -7.68 -16.44 -0.78
C TYR A 57 -8.17 -15.01 -1.07
N ASP A 58 -7.65 -14.02 -0.34
CA ASP A 58 -8.07 -12.63 -0.51
C ASP A 58 -6.87 -11.70 -0.25
N PHE A 59 -6.14 -11.40 -1.32
CA PHE A 59 -5.00 -10.49 -1.22
C PHE A 59 -5.44 -9.11 -0.74
N TYR A 60 -6.71 -8.78 -0.89
CA TYR A 60 -7.20 -7.44 -0.62
C TYR A 60 -7.65 -7.24 0.82
N ASN A 61 -7.51 -8.26 1.68
CA ASN A 61 -7.99 -8.20 3.06
C ASN A 61 -6.83 -7.67 3.91
N VAL A 62 -7.01 -6.46 4.46
N VAL A 62 -7.01 -6.47 4.47
CA VAL A 62 -5.91 -5.82 5.18
CA VAL A 62 -5.90 -5.82 5.18
C VAL A 62 -5.45 -6.66 6.37
C VAL A 62 -5.45 -6.64 6.38
N ASP A 63 -6.39 -7.24 7.12
CA ASP A 63 -5.99 -8.00 8.30
C ASP A 63 -5.25 -9.27 7.90
N TYR A 64 -5.60 -9.87 6.76
CA TYR A 64 -4.86 -11.03 6.32
C TYR A 64 -3.41 -10.64 6.00
N ILE A 65 -3.26 -9.56 5.24
N ILE A 65 -3.24 -9.56 5.25
CA ILE A 65 -1.93 -9.03 4.89
CA ILE A 65 -1.88 -9.11 4.92
C ILE A 65 -1.14 -8.69 6.15
C ILE A 65 -1.13 -8.73 6.18
N MET A 66 -1.79 -8.03 7.11
CA MET A 66 -1.09 -7.66 8.34
C MET A 66 -0.60 -8.89 9.10
N GLY A 67 -1.38 -9.97 9.08
CA GLY A 67 -0.97 -11.19 9.75
C GLY A 67 0.28 -11.77 9.14
N LEU A 68 0.32 -11.83 7.79
CA LEU A 68 1.50 -12.37 7.14
C LEU A 68 2.69 -11.46 7.35
N ALA A 69 2.46 -10.14 7.34
CA ALA A 69 3.55 -9.20 7.53
C ALA A 69 4.14 -9.35 8.93
N ALA A 70 3.29 -9.54 9.93
CA ALA A 70 3.78 -9.75 11.29
C ALA A 70 4.63 -11.01 11.36
N ILE A 71 4.20 -12.07 10.68
N ILE A 71 4.27 -12.05 10.65
CA ILE A 71 4.98 -13.32 10.62
CA ILE A 71 5.08 -13.26 10.75
C ILE A 71 6.37 -13.03 10.05
C ILE A 71 6.41 -13.06 10.05
N TYR A 72 6.42 -12.33 8.92
CA TYR A 72 7.70 -12.02 8.30
C TYR A 72 8.56 -11.17 9.22
N GLN A 73 7.95 -10.23 9.93
CA GLN A 73 8.71 -9.41 10.86
C GLN A 73 9.30 -10.24 11.98
N ILE A 74 8.50 -11.15 12.55
CA ILE A 74 8.99 -12.02 13.62
C ILE A 74 10.15 -12.86 13.13
N LYS A 75 10.10 -13.29 11.87
CA LYS A 75 11.15 -14.12 11.28
C LYS A 75 12.34 -13.31 10.78
N GLU A 76 12.33 -12.01 11.02
CA GLU A 76 13.41 -11.09 10.67
C GLU A 76 13.59 -10.97 9.16
N GLN A 77 12.52 -11.20 8.43
CA GLN A 77 12.45 -10.89 7.00
C GLN A 77 11.88 -9.47 6.89
N PHE A 78 12.72 -8.50 7.26
CA PHE A 78 12.23 -7.16 7.54
C PHE A 78 11.79 -6.44 6.29
N GLN A 79 12.49 -6.66 5.17
CA GLN A 79 12.10 -6.00 3.94
C GLN A 79 10.81 -6.56 3.41
N GLN A 80 10.66 -7.90 3.48
CA GLN A 80 9.42 -8.53 3.04
C GLN A 80 8.23 -8.05 3.86
N ALA A 81 8.42 -7.93 5.18
CA ALA A 81 7.37 -7.37 6.04
C ALA A 81 7.04 -5.95 5.64
N ALA A 82 8.07 -5.12 5.42
CA ALA A 82 7.87 -3.71 5.07
C ALA A 82 7.09 -3.59 3.77
N ASP A 83 7.39 -4.45 2.81
CA ASP A 83 6.69 -4.48 1.53
C ASP A 83 5.20 -4.73 1.74
N LEU A 84 4.87 -5.76 2.52
CA LEU A 84 3.46 -6.03 2.77
C LEU A 84 2.81 -4.89 3.56
N TYR A 85 3.53 -4.30 4.53
CA TYR A 85 2.93 -3.20 5.28
C TYR A 85 2.56 -2.03 4.39
N ALA A 86 3.33 -1.77 3.34
CA ALA A 86 2.96 -0.67 2.46
C ALA A 86 1.65 -0.97 1.74
N VAL A 87 1.47 -2.21 1.31
CA VAL A 87 0.20 -2.61 0.74
C VAL A 87 -0.92 -2.52 1.77
N ALA A 88 -0.68 -3.04 2.97
CA ALA A 88 -1.69 -2.98 4.02
C ALA A 88 -2.13 -1.54 4.30
N PHE A 89 -1.19 -0.60 4.36
CA PHE A 89 -1.59 0.77 4.56
C PHE A 89 -2.55 1.23 3.48
N ALA A 90 -2.09 1.09 2.24
N ALA A 90 -2.45 0.70 2.26
CA ALA A 90 -2.75 1.70 1.11
CA ALA A 90 -3.48 1.02 1.26
C ALA A 90 -4.17 1.22 1.03
C ALA A 90 -4.81 0.32 1.52
N LEU A 91 -4.40 -0.06 1.31
N LEU A 91 -4.78 -0.91 2.03
CA LEU A 91 -5.74 -0.61 1.23
CA LEU A 91 -6.03 -1.64 2.21
C LEU A 91 -6.63 -0.14 2.39
C LEU A 91 -6.83 -1.14 3.40
N GLY A 92 -6.10 -0.10 3.62
N GLY A 92 -6.40 -0.03 4.01
CA GLY A 92 -6.87 -0.14 4.86
CA GLY A 92 -7.16 0.72 4.99
C GLY A 92 -7.65 1.14 5.20
C GLY A 92 -7.11 2.23 4.83
N LYS A 93 -8.24 1.15 6.42
N LYS A 93 -6.12 2.77 4.11
CA LYS A 93 -9.22 2.18 6.82
CA LYS A 93 -5.99 4.21 3.90
C LYS A 93 -8.57 3.19 7.76
C LYS A 93 -5.74 5.02 5.17
N ASN A 94 -7.81 4.11 7.14
N ASN A 94 -6.36 4.67 6.30
CA ASN A 94 -7.09 5.17 7.84
CA ASN A 94 -6.35 5.53 7.49
C ASN A 94 -6.30 4.61 9.02
C ASN A 94 -5.84 4.87 8.77
N ASP A 95 -5.51 3.58 8.76
CA ASP A 95 -4.84 2.89 9.86
C ASP A 95 -3.33 3.01 9.66
N TYR A 96 -2.66 3.67 10.60
CA TYR A 96 -1.23 3.89 10.51
C TYR A 96 -0.44 2.81 11.23
N THR A 97 -1.10 1.81 11.79
CA THR A 97 -0.38 0.69 12.39
C THR A 97 0.64 0.07 11.44
N PRO A 98 0.35 -0.18 10.16
CA PRO A 98 1.39 -0.73 9.29
C PRO A 98 2.57 0.20 9.09
N VAL A 99 2.34 1.52 9.16
CA VAL A 99 3.45 2.47 9.04
C VAL A 99 4.33 2.39 10.28
N PHE A 100 3.72 2.24 11.47
CA PHE A 100 4.48 2.06 12.70
C PHE A 100 5.37 0.83 12.62
N HIS A 101 4.81 -0.30 12.20
CA HIS A 101 5.67 -1.49 12.10
C HIS A 101 6.71 -1.35 11.01
N THR A 102 6.41 -0.62 9.92
CA THR A 102 7.45 -0.35 8.91
C THR A 102 8.61 0.40 9.53
N GLY A 103 8.31 1.35 10.42
CA GLY A 103 9.40 2.06 11.10
C GLY A 103 10.29 1.11 11.89
N GLN A 104 9.68 0.14 12.58
CA GLN A 104 10.47 -0.86 13.30
C GLN A 104 11.35 -1.64 12.35
N CYS A 105 10.75 -2.06 11.23
CA CYS A 105 11.51 -2.80 10.22
C CYS A 105 12.67 -1.97 9.69
N GLN A 106 12.45 -0.68 9.43
CA GLN A 106 13.52 0.15 8.91
C GLN A 106 14.66 0.28 9.93
N LEU A 107 14.34 0.40 11.21
CA LEU A 107 15.40 0.43 12.21
C LEU A 107 16.24 -0.85 12.14
N ARG A 108 15.58 -2.01 11.98
CA ARG A 108 16.32 -3.25 11.92
C ARG A 108 17.13 -3.37 10.64
N LEU A 109 16.69 -2.69 9.59
CA LEU A 109 17.41 -2.65 8.32
C LEU A 109 18.49 -1.59 8.31
N LYS A 110 18.73 -0.92 9.44
CA LYS A 110 19.77 0.11 9.57
C LYS A 110 19.48 1.32 8.70
N ALA A 111 18.20 1.67 8.60
CA ALA A 111 17.74 2.85 7.85
C ALA A 111 17.01 3.78 8.81
N PRO A 112 17.73 4.42 9.73
CA PRO A 112 17.05 5.19 10.79
C PRO A 112 16.33 6.43 10.30
N LEU A 113 16.78 7.04 9.20
CA LEU A 113 16.08 8.21 8.69
C LEU A 113 14.76 7.81 8.07
N LYS A 114 14.72 6.68 7.36
N LYS A 114 14.72 6.68 7.36
CA LYS A 114 13.45 6.15 6.89
CA LYS A 114 13.45 6.15 6.90
C LYS A 114 12.54 5.81 8.07
C LYS A 114 12.54 5.81 8.07
N ALA A 115 13.10 5.20 9.11
CA ALA A 115 12.30 4.86 10.28
C ALA A 115 11.69 6.11 10.89
N LYS A 116 12.50 7.16 11.03
CA LYS A 116 12.01 8.39 11.64
C LYS A 116 10.82 8.94 10.87
N GLU A 117 10.93 8.94 9.53
CA GLU A 117 9.85 9.45 8.71
C GLU A 117 8.59 8.63 8.91
N CYS A 118 8.73 7.32 9.09
CA CYS A 118 7.59 6.47 9.39
C CYS A 118 6.92 6.87 10.70
N PHE A 119 7.70 6.98 11.78
CA PHE A 119 7.10 7.27 13.07
C PHE A 119 6.52 8.68 13.06
N GLU A 120 7.17 9.61 12.37
CA GLU A 120 6.63 10.98 12.27
C GLU A 120 5.30 10.98 11.53
N LEU A 121 5.15 10.14 10.51
CA LEU A 121 3.89 10.09 9.79
C LEU A 121 2.75 9.62 10.71
N VAL A 122 3.04 8.62 11.54
CA VAL A 122 2.07 8.13 12.51
C VAL A 122 1.61 9.27 13.41
N ILE A 123 2.59 9.97 14.00
N ILE A 123 2.58 10.01 13.96
CA ILE A 123 2.28 11.08 14.90
CA ILE A 123 2.26 11.06 14.91
C ILE A 123 1.42 12.12 14.21
C ILE A 123 1.52 12.22 14.27
N GLN A 124 1.80 12.51 12.99
CA GLN A 124 1.13 13.61 12.33
C GLN A 124 -0.29 13.29 11.87
N HIS A 125 -0.58 12.02 11.53
N HIS A 125 -0.57 12.04 11.51
CA HIS A 125 -1.84 11.71 10.86
CA HIS A 125 -1.83 11.69 10.87
C HIS A 125 -2.73 10.65 11.52
C HIS A 125 -2.75 10.82 11.71
N SER A 126 -2.19 9.86 12.44
CA SER A 126 -3.01 8.85 13.12
C SER A 126 -3.93 9.50 14.14
N ASN A 127 -5.11 8.90 14.32
CA ASN A 127 -6.01 9.25 15.42
C ASN A 127 -5.99 8.20 16.52
N ASP A 128 -5.04 7.27 16.47
CA ASP A 128 -4.89 6.19 17.45
C ASP A 128 -3.91 6.66 18.51
N GLU A 129 -4.45 7.11 19.66
CA GLU A 129 -3.58 7.71 20.67
C GLU A 129 -2.57 6.71 21.22
N LYS A 130 -2.99 5.46 21.43
CA LYS A 130 -2.04 4.49 21.98
C LYS A 130 -0.93 4.22 20.97
N LEU A 131 -1.29 4.12 19.69
CA LEU A 131 -0.27 3.93 18.66
C LEU A 131 0.70 5.10 18.62
N LYS A 132 0.18 6.33 18.71
CA LYS A 132 1.05 7.49 18.65
C LYS A 132 2.01 7.53 19.84
N ILE A 133 1.55 7.07 21.00
CA ILE A 133 2.43 7.02 22.16
C ILE A 133 3.63 6.10 21.87
N LYS A 134 3.34 4.92 21.29
CA LYS A 134 4.43 4.01 20.92
C LYS A 134 5.35 4.63 19.88
N ALA A 135 4.77 5.25 18.86
CA ALA A 135 5.59 5.87 17.81
C ALA A 135 6.51 6.93 18.40
N GLN A 136 5.99 7.73 19.34
CA GLN A 136 6.81 8.76 19.96
C GLN A 136 7.93 8.15 20.77
N SER A 137 7.69 7.02 21.44
CA SER A 137 8.77 6.40 22.19
C SER A 137 9.91 5.99 21.28
N TYR A 138 9.59 5.49 20.09
CA TYR A 138 10.65 5.17 19.14
C TYR A 138 11.36 6.42 18.66
N LEU A 139 10.60 7.46 18.32
CA LEU A 139 11.21 8.72 17.92
C LEU A 139 12.14 9.26 19.00
N ASP A 140 11.73 9.17 20.27
CA ASP A 140 12.56 9.69 21.36
C ASP A 140 13.92 9.02 21.38
N ALA A 141 13.98 7.76 20.95
CA ALA A 141 15.18 6.96 21.01
C ALA A 141 16.08 7.12 19.79
N ILE A 142 15.53 7.57 18.67
CA ILE A 142 16.31 7.69 17.45
C ILE A 142 17.31 8.81 17.61
N GLN A 143 18.55 8.55 17.26
CA GLN A 143 19.61 9.52 17.51
C GLN A 143 19.57 10.61 16.48
N GLY B 1 -4.08 -7.10 -10.92
CA GLY B 1 -3.43 -5.82 -11.01
C GLY B 1 -2.09 -5.78 -10.30
N SER B 2 -1.55 -4.56 -10.20
N SER B 2 -1.54 -4.56 -10.20
CA SER B 2 -0.22 -4.37 -9.65
CA SER B 2 -0.21 -4.40 -9.64
C SER B 2 -0.15 -4.77 -8.19
C SER B 2 -0.15 -4.79 -8.17
N ILE B 3 -1.21 -4.50 -7.42
CA ILE B 3 -1.20 -4.81 -5.99
C ILE B 3 -1.26 -6.32 -5.79
N SER B 4 -2.09 -7.01 -6.57
N SER B 4 -2.09 -7.02 -6.57
CA SER B 4 -2.12 -8.47 -6.51
CA SER B 4 -2.12 -8.48 -6.50
C SER B 4 -0.75 -9.06 -6.77
C SER B 4 -0.74 -9.07 -6.77
N THR B 5 -0.05 -8.56 -7.79
CA THR B 5 1.29 -9.05 -8.09
C THR B 5 2.20 -8.87 -6.89
N ALA B 6 2.15 -7.68 -6.28
CA ALA B 6 3.02 -7.44 -5.13
C ALA B 6 2.73 -8.40 -4.00
N VAL B 7 1.45 -8.68 -3.74
CA VAL B 7 1.12 -9.60 -2.66
C VAL B 7 1.54 -11.04 -3.00
N ILE B 8 1.26 -11.49 -4.23
CA ILE B 8 1.67 -12.84 -4.62
C ILE B 8 3.18 -13.00 -4.49
N ASP B 9 3.94 -11.99 -4.92
CA ASP B 9 5.39 -12.02 -4.79
C ASP B 9 5.78 -12.16 -3.32
N ALA B 10 5.11 -11.44 -2.43
CA ALA B 10 5.46 -11.54 -1.03
C ALA B 10 5.07 -12.88 -0.43
N ILE B 11 3.94 -13.43 -0.85
CA ILE B 11 3.50 -14.73 -0.33
C ILE B 11 4.52 -15.79 -0.71
N ASN B 12 4.85 -15.84 -2.00
CA ASN B 12 5.72 -16.89 -2.50
C ASN B 12 7.16 -16.71 -2.01
N SER B 13 7.56 -15.49 -1.68
CA SER B 13 8.87 -15.23 -1.06
C SER B 13 10.02 -15.80 -1.87
N GLY B 14 9.79 -16.13 -3.14
CA GLY B 14 10.86 -16.55 -4.02
C GLY B 14 11.62 -15.37 -4.57
N ALA B 15 12.64 -15.68 -5.36
CA ALA B 15 13.46 -14.61 -5.93
C ALA B 15 12.65 -13.93 -7.02
N THR B 16 12.63 -12.61 -6.97
CA THR B 16 11.96 -11.78 -7.97
C THR B 16 12.96 -11.28 -8.99
N LEU B 17 12.44 -10.70 -10.07
CA LEU B 17 13.31 -10.10 -11.08
C LEU B 17 14.16 -8.98 -10.50
N LYS B 18 13.60 -8.18 -9.58
CA LYS B 18 14.43 -7.14 -8.99
C LYS B 18 15.50 -7.75 -8.08
N ASP B 19 15.18 -8.84 -7.38
CA ASP B 19 16.15 -9.47 -6.49
C ASP B 19 17.42 -9.86 -7.22
N ILE B 20 17.34 -10.14 -8.53
CA ILE B 20 18.50 -10.52 -9.32
C ILE B 20 18.94 -9.38 -10.24
N ASN B 21 18.47 -8.16 -9.98
CA ASN B 21 18.85 -6.99 -10.77
C ASN B 21 18.72 -7.29 -12.26
N ALA B 22 17.55 -7.80 -12.64
CA ALA B 22 17.37 -8.29 -14.00
C ALA B 22 17.26 -7.17 -15.03
N ILE B 23 16.87 -5.96 -14.62
CA ILE B 23 16.79 -4.84 -15.54
C ILE B 23 17.53 -3.68 -14.86
N PRO B 24 18.61 -3.17 -15.43
CA PRO B 24 19.38 -2.12 -14.76
C PRO B 24 18.61 -0.82 -14.68
N ASP B 25 19.04 0.03 -13.73
CA ASP B 25 18.37 1.31 -13.51
C ASP B 25 18.23 2.11 -14.81
N ASP B 26 19.29 2.15 -15.63
CA ASP B 26 19.23 3.00 -16.80
C ASP B 26 18.18 2.52 -17.80
N MET B 27 17.97 1.21 -17.90
CA MET B 27 16.93 0.69 -18.76
C MET B 27 15.54 1.01 -18.20
N MET B 28 15.36 0.85 -16.88
CA MET B 28 14.10 1.23 -16.25
C MET B 28 13.77 2.70 -16.49
N ASP B 29 14.75 3.60 -16.30
CA ASP B 29 14.53 5.01 -16.60
C ASP B 29 14.06 5.20 -18.04
N ASP B 30 14.65 4.46 -18.98
CA ASP B 30 14.25 4.61 -20.39
C ASP B 30 12.80 4.16 -20.60
N ILE B 31 12.45 3.01 -20.04
CA ILE B 31 11.09 2.50 -20.21
C ILE B 31 10.09 3.45 -19.59
N TYR B 32 10.43 4.03 -18.43
CA TYR B 32 9.58 5.05 -17.83
C TYR B 32 9.38 6.21 -18.78
N SER B 33 10.47 6.66 -19.43
N SER B 33 10.44 6.67 -19.45
CA SER B 33 10.33 7.76 -20.38
CA SER B 33 10.23 7.80 -20.35
C SER B 33 9.42 7.36 -21.54
C SER B 33 9.42 7.39 -21.57
N TYR B 34 9.58 6.14 -22.04
CA TYR B 34 8.74 5.66 -23.13
C TYR B 34 7.28 5.61 -22.71
N ALA B 35 7.02 5.18 -21.47
CA ALA B 35 5.66 5.14 -20.98
C ALA B 35 5.01 6.51 -21.06
N TYR B 36 5.75 7.55 -20.65
CA TYR B 36 5.17 8.88 -20.74
C TYR B 36 5.09 9.38 -22.16
N ASP B 37 6.00 8.96 -23.05
CA ASP B 37 5.85 9.32 -24.47
C ASP B 37 4.49 8.84 -24.98
N PHE B 38 4.14 7.59 -24.66
CA PHE B 38 2.83 7.07 -25.06
C PHE B 38 1.71 7.86 -24.40
N TYR B 39 1.82 8.07 -23.08
CA TYR B 39 0.79 8.77 -22.33
C TYR B 39 0.55 10.16 -22.89
N ASN B 40 1.64 10.89 -23.16
CA ASN B 40 1.52 12.28 -23.59
C ASN B 40 0.90 12.39 -24.98
N LYS B 41 0.93 11.31 -25.75
CA LYS B 41 0.33 11.30 -27.07
C LYS B 41 -1.11 10.81 -27.06
N GLY B 42 -1.63 10.42 -25.90
CA GLY B 42 -2.97 9.90 -25.78
C GLY B 42 -3.07 8.40 -25.95
N ARG B 43 -1.93 7.72 -26.07
CA ARG B 43 -1.87 6.26 -26.22
C ARG B 43 -1.92 5.63 -24.83
N ILE B 44 -3.09 5.77 -24.18
CA ILE B 44 -3.18 5.47 -22.75
C ILE B 44 -3.08 3.99 -22.50
N GLU B 45 -3.57 3.15 -23.43
CA GLU B 45 -3.51 1.71 -23.24
C GLU B 45 -2.08 1.20 -23.26
N GLU B 46 -1.26 1.71 -24.16
CA GLU B 46 0.15 1.32 -24.19
C GLU B 46 0.88 1.86 -22.98
N ALA B 47 0.59 3.10 -22.62
CA ALA B 47 1.19 3.63 -21.41
C ALA B 47 0.86 2.77 -20.20
N GLU B 48 -0.39 2.33 -20.10
CA GLU B 48 -0.80 1.47 -19.00
C GLU B 48 -0.01 0.18 -18.97
N VAL B 49 0.19 -0.45 -20.13
CA VAL B 49 1.02 -1.66 -20.18
C VAL B 49 2.44 -1.36 -19.71
N PHE B 50 3.03 -0.26 -20.17
CA PHE B 50 4.40 0.05 -19.75
C PHE B 50 4.48 0.35 -18.24
N PHE B 51 3.50 1.08 -17.68
CA PHE B 51 3.53 1.30 -16.24
C PHE B 51 3.25 0.02 -15.47
N ARG B 52 2.36 -0.86 -15.98
CA ARG B 52 2.20 -2.16 -15.32
C ARG B 52 3.51 -2.95 -15.34
N PHE B 53 4.22 -2.92 -16.47
CA PHE B 53 5.51 -3.60 -16.58
C PHE B 53 6.46 -3.07 -15.51
N LEU B 54 6.56 -1.74 -15.41
CA LEU B 54 7.45 -1.11 -14.44
C LEU B 54 7.08 -1.52 -13.02
N CYS B 55 5.78 -1.56 -12.74
CA CYS B 55 5.29 -1.92 -11.41
C CYS B 55 5.41 -3.40 -11.11
N ILE B 56 5.49 -4.26 -12.13
CA ILE B 56 5.84 -5.65 -11.86
C ILE B 56 7.28 -5.75 -11.43
N TYR B 57 8.17 -5.05 -12.14
CA TYR B 57 9.60 -5.16 -11.82
C TYR B 57 9.93 -4.50 -10.48
N ASP B 58 9.40 -3.30 -10.25
CA ASP B 58 9.77 -2.48 -9.08
C ASP B 58 8.49 -1.78 -8.61
N PHE B 59 7.66 -2.53 -7.90
CA PHE B 59 6.37 -1.98 -7.46
C PHE B 59 6.53 -0.84 -6.48
N TYR B 60 7.52 -0.91 -5.60
CA TYR B 60 7.67 0.03 -4.49
C TYR B 60 8.47 1.24 -4.94
N ASN B 61 8.02 1.81 -6.04
CA ASN B 61 8.62 2.98 -6.68
C ASN B 61 7.55 4.03 -6.90
N VAL B 62 7.69 5.16 -6.21
CA VAL B 62 6.65 6.18 -6.23
C VAL B 62 6.34 6.65 -7.66
N ASP B 63 7.37 6.82 -8.49
CA ASP B 63 7.14 7.38 -9.82
C ASP B 63 6.32 6.42 -10.68
N TYR B 64 6.57 5.13 -10.54
CA TYR B 64 5.83 4.17 -11.32
C TYR B 64 4.39 4.09 -10.83
N ILE B 65 4.22 4.05 -9.51
N ILE B 65 4.22 4.00 -9.51
CA ILE B 65 2.90 3.95 -8.91
CA ILE B 65 2.90 3.97 -8.90
C ILE B 65 2.06 5.17 -9.25
C ILE B 65 2.08 5.16 -9.37
N MET B 66 2.65 6.36 -9.23
CA MET B 66 1.90 7.57 -9.54
C MET B 66 1.48 7.62 -11.00
N GLY B 67 2.34 7.14 -11.91
CA GLY B 67 1.96 7.12 -13.31
C GLY B 67 0.77 6.20 -13.56
N LEU B 68 0.79 5.03 -12.93
CA LEU B 68 -0.30 4.08 -13.12
C LEU B 68 -1.58 4.59 -12.48
N ALA B 69 -1.46 5.22 -11.30
CA ALA B 69 -2.64 5.72 -10.61
C ALA B 69 -3.33 6.80 -11.44
N ALA B 70 -2.54 7.64 -12.10
CA ALA B 70 -3.09 8.67 -12.97
C ALA B 70 -3.89 8.07 -14.11
N ILE B 71 -3.39 6.99 -14.69
CA ILE B 71 -4.10 6.36 -15.77
C ILE B 71 -5.42 5.80 -15.28
N TYR B 72 -5.40 5.15 -14.11
CA TYR B 72 -6.64 4.62 -13.60
C TYR B 72 -7.63 5.74 -13.31
N GLN B 73 -7.15 6.88 -12.79
CA GLN B 73 -8.05 7.98 -12.50
C GLN B 73 -8.70 8.52 -13.78
N ILE B 74 -7.90 8.74 -14.83
N ILE B 74 -7.89 8.73 -14.83
CA ILE B 74 -8.44 9.16 -16.11
CA ILE B 74 -8.41 9.16 -16.12
C ILE B 74 -9.48 8.17 -16.61
C ILE B 74 -9.44 8.17 -16.65
N LYS B 75 -9.20 6.89 -16.44
CA LYS B 75 -10.09 5.85 -16.89
C LYS B 75 -11.29 5.65 -15.97
N GLU B 76 -11.40 6.45 -14.91
CA GLU B 76 -12.53 6.39 -13.98
C GLU B 76 -12.55 5.06 -13.23
N GLN B 77 -11.39 4.45 -13.07
CA GLN B 77 -11.20 3.32 -12.16
C GLN B 77 -10.73 3.88 -10.81
N PHE B 78 -11.68 4.48 -10.11
CA PHE B 78 -11.32 5.39 -9.03
C PHE B 78 -10.81 4.65 -7.80
N GLN B 79 -11.34 3.47 -7.51
CA GLN B 79 -10.85 2.72 -6.35
C GLN B 79 -9.45 2.21 -6.61
N GLN B 80 -9.18 1.71 -7.81
CA GLN B 80 -7.83 1.28 -8.14
C GLN B 80 -6.86 2.43 -8.05
N ALA B 81 -7.24 3.58 -8.57
CA ALA B 81 -6.37 4.75 -8.44
C ALA B 81 -6.14 5.12 -6.97
N ALA B 82 -7.20 5.18 -6.17
CA ALA B 82 -7.04 5.56 -4.77
C ALA B 82 -6.11 4.61 -4.05
N ASP B 83 -6.24 3.32 -4.32
CA ASP B 83 -5.39 2.34 -3.66
C ASP B 83 -3.93 2.60 -4.00
N LEU B 84 -3.63 2.87 -5.26
CA LEU B 84 -2.25 3.12 -5.65
C LEU B 84 -1.74 4.44 -5.08
N TYR B 85 -2.58 5.47 -5.07
CA TYR B 85 -2.12 6.73 -4.48
C TYR B 85 -1.73 6.53 -3.02
N ALA B 86 -2.48 5.70 -2.29
CA ALA B 86 -2.15 5.43 -0.91
C ALA B 86 -0.82 4.70 -0.78
N VAL B 87 -0.50 3.78 -1.72
CA VAL B 87 0.82 3.16 -1.67
C VAL B 87 1.90 4.22 -1.85
N ALA B 88 1.73 5.08 -2.87
CA ALA B 88 2.69 6.14 -3.13
C ALA B 88 2.90 7.04 -1.92
N PHE B 89 1.81 7.41 -1.24
CA PHE B 89 1.96 8.24 -0.07
C PHE B 89 2.79 7.53 1.01
N ALA B 90 2.48 6.25 1.27
CA ALA B 90 3.15 5.51 2.34
C ALA B 90 4.63 5.37 2.05
N LEU B 91 5.01 5.39 0.77
CA LEU B 91 6.40 5.33 0.40
C LEU B 91 7.06 6.70 0.37
N GLY B 92 6.31 7.76 0.03
CA GLY B 92 6.87 9.08 -0.16
C GLY B 92 6.81 9.94 1.07
N LYS B 93 5.62 10.07 1.67
CA LYS B 93 5.43 10.67 2.99
C LYS B 93 5.34 12.19 2.98
N ASN B 94 6.19 12.86 2.21
CA ASN B 94 6.32 14.32 2.25
C ASN B 94 5.59 15.03 1.11
N ASP B 95 5.01 14.30 0.17
CA ASP B 95 4.32 14.87 -0.99
C ASP B 95 2.83 14.59 -0.83
N TYR B 96 2.01 15.63 -0.75
CA TYR B 96 0.59 15.45 -0.49
C TYR B 96 -0.24 15.36 -1.76
N THR B 97 0.38 15.38 -2.94
N THR B 97 0.39 15.38 -2.93
CA THR B 97 -0.40 15.22 -4.17
CA THR B 97 -0.37 15.22 -4.16
C THR B 97 -1.16 13.90 -4.22
C THR B 97 -1.13 13.90 -4.23
N PRO B 98 -0.60 12.75 -3.80
CA PRO B 98 -1.43 11.54 -3.83
C PRO B 98 -2.62 11.62 -2.91
N VAL B 99 -2.52 12.39 -1.82
CA VAL B 99 -3.65 12.56 -0.94
C VAL B 99 -4.73 13.42 -1.60
N PHE B 100 -4.30 14.49 -2.28
CA PHE B 100 -5.22 15.33 -3.02
C PHE B 100 -5.95 14.51 -4.08
N HIS B 101 -5.22 13.74 -4.88
CA HIS B 101 -5.90 12.96 -5.90
C HIS B 101 -6.77 11.85 -5.32
N THR B 102 -6.37 11.26 -4.19
CA THR B 102 -7.28 10.33 -3.52
C THR B 102 -8.57 11.02 -3.13
N GLY B 103 -8.50 12.25 -2.65
CA GLY B 103 -9.70 12.97 -2.31
C GLY B 103 -10.61 13.13 -3.52
N GLN B 104 -10.02 13.41 -4.69
CA GLN B 104 -10.83 13.49 -5.89
C GLN B 104 -11.51 12.16 -6.16
N CYS B 105 -10.74 11.08 -6.05
CA CYS B 105 -11.30 9.75 -6.29
C CYS B 105 -12.42 9.43 -5.30
N GLN B 106 -12.24 9.77 -4.03
CA GLN B 106 -13.27 9.44 -3.05
C GLN B 106 -14.56 10.19 -3.34
N LEU B 107 -14.46 11.43 -3.83
CA LEU B 107 -15.67 12.14 -4.23
C LEU B 107 -16.42 11.38 -5.31
N ARG B 108 -15.70 10.89 -6.32
CA ARG B 108 -16.34 10.15 -7.39
C ARG B 108 -16.87 8.81 -6.91
N LEU B 109 -16.29 8.27 -5.85
CA LEU B 109 -16.80 7.04 -5.23
C LEU B 109 -17.97 7.31 -4.26
N LYS B 110 -18.45 8.55 -4.17
CA LYS B 110 -19.61 8.88 -3.32
C LYS B 110 -19.26 8.70 -1.85
N ALA B 111 -18.03 9.05 -1.49
CA ALA B 111 -17.56 9.03 -0.11
C ALA B 111 -17.09 10.43 0.27
N PRO B 112 -18.02 11.38 0.42
CA PRO B 112 -17.59 12.77 0.64
C PRO B 112 -16.89 12.97 1.97
N LEU B 113 -17.19 12.15 2.98
CA LEU B 113 -16.52 12.32 4.27
C LEU B 113 -15.05 11.91 4.16
N LYS B 114 -14.77 10.81 3.44
CA LYS B 114 -13.39 10.45 3.16
C LYS B 114 -12.71 11.53 2.33
N ALA B 115 -13.39 12.04 1.31
CA ALA B 115 -12.80 13.08 0.48
C ALA B 115 -12.47 14.31 1.31
N LYS B 116 -13.40 14.73 2.20
CA LYS B 116 -13.14 15.88 3.03
C LYS B 116 -11.90 15.68 3.88
N GLU B 117 -11.74 14.49 4.47
CA GLU B 117 -10.57 14.25 5.30
C GLU B 117 -9.29 14.32 4.50
N CYS B 118 -9.33 13.82 3.26
CA CYS B 118 -8.18 13.93 2.39
C CYS B 118 -7.80 15.39 2.17
N PHE B 119 -8.79 16.21 1.81
CA PHE B 119 -8.48 17.60 1.50
C PHE B 119 -8.04 18.38 2.73
N GLU B 120 -8.62 18.10 3.89
CA GLU B 120 -8.19 18.77 5.12
C GLU B 120 -6.76 18.40 5.45
N LEU B 121 -6.39 17.16 5.18
N LEU B 121 -6.37 17.15 5.18
CA LEU B 121 -5.02 16.70 5.39
CA LEU B 121 -5.00 16.71 5.41
C LEU B 121 -4.04 17.52 4.57
C LEU B 121 -4.02 17.54 4.56
N VAL B 122 -4.37 17.76 3.29
CA VAL B 122 -3.53 18.58 2.43
C VAL B 122 -3.37 19.97 3.02
N ILE B 123 -4.47 20.58 3.43
CA ILE B 123 -4.41 21.96 3.89
C ILE B 123 -3.57 22.06 5.15
N GLN B 124 -3.67 21.06 6.03
CA GLN B 124 -2.93 21.11 7.29
C GLN B 124 -1.45 20.80 7.14
N HIS B 125 -1.07 19.98 6.16
CA HIS B 125 0.32 19.50 6.14
C HIS B 125 1.12 19.85 4.89
N SER B 126 0.48 20.14 3.77
CA SER B 126 1.22 20.48 2.58
C SER B 126 1.84 21.87 2.71
N ASN B 127 3.02 22.05 2.13
CA ASN B 127 3.63 23.36 1.98
C ASN B 127 3.52 23.87 0.55
N ASP B 128 2.69 23.24 -0.26
CA ASP B 128 2.42 23.65 -1.62
C ASP B 128 1.19 24.53 -1.57
N GLU B 129 1.40 25.86 -1.65
CA GLU B 129 0.28 26.77 -1.48
C GLU B 129 -0.77 26.58 -2.57
N LYS B 130 -0.34 26.25 -3.79
CA LYS B 130 -1.28 26.04 -4.89
C LYS B 130 -2.10 24.76 -4.69
N LEU B 131 -1.47 23.70 -4.21
CA LEU B 131 -2.23 22.48 -3.91
C LEU B 131 -3.25 22.73 -2.83
N LYS B 132 -2.90 23.55 -1.82
CA LYS B 132 -3.83 23.86 -0.75
C LYS B 132 -5.05 24.64 -1.27
N ILE B 133 -4.84 25.60 -2.17
CA ILE B 133 -5.99 26.29 -2.75
C ILE B 133 -6.89 25.32 -3.47
N LYS B 134 -6.31 24.39 -4.23
CA LYS B 134 -7.14 23.43 -4.94
C LYS B 134 -7.94 22.59 -3.96
N ALA B 135 -7.29 22.12 -2.90
CA ALA B 135 -7.98 21.31 -1.91
C ALA B 135 -9.10 22.09 -1.26
N GLN B 136 -8.86 23.37 -0.96
CA GLN B 136 -9.91 24.19 -0.35
C GLN B 136 -11.09 24.37 -1.29
N SER B 137 -10.84 24.48 -2.59
CA SER B 137 -11.95 24.61 -3.54
C SER B 137 -12.86 23.39 -3.49
N TYR B 138 -12.27 22.19 -3.30
CA TYR B 138 -13.09 20.99 -3.16
C TYR B 138 -13.85 21.01 -1.85
N LEU B 139 -13.17 21.40 -0.76
CA LEU B 139 -13.84 21.54 0.54
C LEU B 139 -15.02 22.49 0.45
N ASP B 140 -14.87 23.59 -0.28
CA ASP B 140 -15.94 24.57 -0.35
C ASP B 140 -17.20 23.95 -0.94
N ALA B 141 -17.05 22.94 -1.80
CA ALA B 141 -18.18 22.32 -2.47
C ALA B 141 -18.82 21.18 -1.67
N ILE B 142 -18.10 20.53 -0.79
CA ILE B 142 -18.69 19.42 -0.03
C ILE B 142 -19.60 20.01 1.05
#